data_2FXK
#
_entry.id   2FXK
#
_cell.length_a   90.770
_cell.length_b   98.270
_cell.length_c   42.050
_cell.angle_alpha   90.00
_cell.angle_beta   90.00
_cell.angle_gamma   90.00
#
_symmetry.space_group_name_H-M   'P 21 21 2'
#
loop_
_entity.id
_entity.type
_entity.pdbx_description
1 polymer 'H2A histone family, member Y isoform 1'
2 water water
#
_entity_poly.entity_id   1
_entity_poly.type   'polypeptide(L)'
_entity_poly.pdbx_seq_one_letter_code
;GAMQGEVSKAASADSTTEGTPADGFTVLSTKSLFLGQKLQVVQADIASIDSDAVVHPTNTDFYIGGEVGNTLEKKGGKEF
VEAVLELRKKNGPLEVAGAAVSAGHGLPAKFVIHCNSPVWGADKCEELLEKTVKNCLALADDKKLKSIAFPSIGSGRNGF
PKQTAAQLILKAISSYFVSTMSSSIKTVYFVLFDSESIGIYVQEMAKLDAN
;
_entity_poly.pdbx_strand_id   A,B
#
# COMPACT_ATOMS: atom_id res chain seq x y z
N GLY A 24 16.89 -3.42 -3.64
CA GLY A 24 16.20 -2.13 -3.37
C GLY A 24 15.13 -1.81 -4.40
N PHE A 25 14.57 -0.60 -4.29
CA PHE A 25 13.37 -0.25 -5.04
C PHE A 25 13.26 1.24 -4.83
N THR A 26 13.45 1.99 -5.90
CA THR A 26 13.38 3.44 -5.85
C THR A 26 12.42 3.94 -6.88
N VAL A 27 11.59 4.89 -6.49
CA VAL A 27 10.62 5.45 -7.41
C VAL A 27 11.29 6.51 -8.28
N LEU A 28 11.12 6.38 -9.58
CA LEU A 28 11.68 7.29 -10.53
C LEU A 28 10.69 8.36 -10.96
N SER A 29 9.44 8.00 -11.14
CA SER A 29 8.45 8.96 -11.60
C SER A 29 7.03 8.49 -11.23
N THR A 30 6.20 9.42 -10.76
CA THR A 30 4.87 9.19 -10.22
C THR A 30 3.84 10.03 -10.99
N LYS A 31 2.72 9.43 -11.35
CA LYS A 31 1.60 10.12 -11.97
C LYS A 31 0.37 9.85 -11.10
N SER A 32 -0.08 10.88 -10.38
CA SER A 32 -1.27 10.78 -9.54
C SER A 32 -2.51 11.01 -10.37
N LEU A 33 -3.27 9.95 -10.64
CA LEU A 33 -4.48 10.08 -11.48
C LEU A 33 -5.60 10.80 -10.73
N PHE A 34 -6.45 11.48 -11.48
CA PHE A 34 -7.63 12.21 -10.94
C PHE A 34 -8.60 11.40 -10.08
N LEU A 35 -8.71 10.09 -10.36
CA LEU A 35 -9.55 9.18 -9.59
C LEU A 35 -8.81 8.46 -8.44
N GLY A 36 -7.69 9.02 -8.01
CA GLY A 36 -7.01 8.55 -6.80
C GLY A 36 -5.81 7.64 -6.99
N GLN A 37 -5.63 7.03 -8.16
CA GLN A 37 -4.60 6.00 -8.34
C GLN A 37 -3.20 6.61 -8.63
N LYS A 38 -2.16 6.03 -8.00
CA LYS A 38 -0.76 6.38 -8.25
C LYS A 38 -0.19 5.41 -9.29
N LEU A 39 0.31 5.96 -10.39
CA LEU A 39 1.12 5.22 -11.33
C LEU A 39 2.58 5.57 -11.07
N GLN A 40 3.43 4.56 -10.90
CA GLN A 40 4.84 4.82 -10.60
C GLN A 40 5.75 3.98 -11.49
N VAL A 41 6.86 4.59 -11.90
CA VAL A 41 7.91 3.89 -12.66
C VAL A 41 9.05 3.61 -11.73
N VAL A 42 9.51 2.37 -11.74
CA VAL A 42 10.55 1.92 -10.86
C VAL A 42 11.56 1.13 -11.64
N GLN A 43 12.79 1.20 -11.16
CA GLN A 43 13.84 0.27 -11.51
C GLN A 43 14.08 -0.64 -10.32
N ALA A 44 14.05 -1.94 -10.61
CA ALA A 44 14.01 -2.99 -9.60
C ALA A 44 13.95 -4.34 -10.28
N ASP A 45 14.35 -5.36 -9.53
CA ASP A 45 14.02 -6.70 -9.86
C ASP A 45 12.54 -6.80 -9.52
N ILE A 46 11.71 -7.01 -10.52
CA ILE A 46 10.28 -7.05 -10.26
C ILE A 46 9.97 -8.13 -9.26
N ALA A 47 10.76 -9.20 -9.24
CA ALA A 47 10.54 -10.29 -8.27
C ALA A 47 10.69 -9.85 -6.82
N SER A 48 11.44 -8.79 -6.58
CA SER A 48 11.65 -8.28 -5.22
C SER A 48 10.60 -7.20 -4.83
N ILE A 49 9.79 -6.74 -5.77
CA ILE A 49 8.83 -5.69 -5.43
C ILE A 49 7.83 -6.22 -4.43
N ASP A 50 7.81 -5.54 -3.30
CA ASP A 50 6.84 -5.69 -2.23
C ASP A 50 5.35 -5.57 -2.65
N SER A 51 4.96 -5.80 -3.90
CA SER A 51 3.59 -5.44 -4.27
C SER A 51 2.59 -6.56 -4.06
N ASP A 52 1.32 -6.22 -4.03
CA ASP A 52 0.31 -7.21 -3.76
C ASP A 52 0.24 -8.23 -4.89
N ALA A 53 0.45 -7.74 -6.11
CA ALA A 53 0.48 -8.62 -7.29
C ALA A 53 1.60 -8.25 -8.26
N VAL A 54 2.05 -9.28 -8.96
CA VAL A 54 3.09 -9.11 -9.95
C VAL A 54 2.61 -9.77 -11.18
N VAL A 55 2.78 -9.10 -12.30
CA VAL A 55 2.34 -9.64 -13.57
C VAL A 55 3.47 -10.47 -14.23
N HIS A 56 3.10 -11.65 -14.73
CA HIS A 56 4.01 -12.53 -15.39
C HIS A 56 3.58 -12.78 -16.83
N PRO A 57 4.25 -12.12 -17.81
CA PRO A 57 3.89 -12.43 -19.20
C PRO A 57 4.35 -13.84 -19.53
N THR A 58 3.40 -14.69 -19.98
CA THR A 58 3.58 -16.05 -20.47
C THR A 58 2.87 -16.29 -21.82
N ASN A 59 2.96 -17.54 -22.28
CA ASN A 59 2.18 -18.02 -23.42
C ASN A 59 0.93 -18.78 -22.94
N THR A 60 0.36 -19.66 -23.75
CA THR A 60 -0.88 -20.34 -23.35
C THR A 60 -0.64 -21.59 -22.50
N ASP A 61 0.61 -21.96 -22.24
CA ASP A 61 0.92 -23.15 -21.41
C ASP A 61 1.72 -22.82 -20.15
N PHE A 62 1.66 -21.56 -19.75
CA PHE A 62 2.27 -21.11 -18.51
C PHE A 62 3.77 -21.40 -18.47
N TYR A 63 4.41 -21.22 -19.63
CA TYR A 63 5.86 -21.29 -19.74
C TYR A 63 6.55 -20.24 -18.85
N ILE A 64 7.63 -20.65 -18.19
CA ILE A 64 8.38 -19.77 -17.32
C ILE A 64 9.78 -19.49 -17.88
N GLY A 65 9.94 -18.34 -18.52
CA GLY A 65 11.26 -17.93 -19.02
C GLY A 65 11.29 -16.41 -19.08
N GLY A 66 11.82 -15.89 -20.17
CA GLY A 66 11.85 -14.45 -20.34
C GLY A 66 12.56 -13.77 -19.19
N GLU A 67 12.54 -12.45 -19.22
CA GLU A 67 13.12 -11.67 -18.16
C GLU A 67 12.43 -12.07 -16.87
N VAL A 68 11.11 -11.95 -16.90
CA VAL A 68 10.32 -12.00 -15.68
C VAL A 68 10.16 -13.43 -15.16
N GLY A 69 9.76 -14.35 -16.03
CA GLY A 69 9.75 -15.77 -15.70
C GLY A 69 10.96 -16.19 -14.90
N ASN A 70 12.15 -15.85 -15.40
CA ASN A 70 13.40 -16.29 -14.76
C ASN A 70 13.70 -15.65 -13.42
N THR A 71 13.40 -14.35 -13.22
CA THR A 71 13.63 -13.76 -11.88
C THR A 71 12.62 -14.22 -10.86
N LEU A 72 11.38 -14.41 -11.29
CA LEU A 72 10.38 -14.95 -10.38
C LEU A 72 10.87 -16.32 -9.86
N GLU A 73 11.31 -17.17 -10.78
CA GLU A 73 11.88 -18.49 -10.43
C GLU A 73 13.15 -18.37 -9.56
N LYS A 74 14.01 -17.43 -9.92
CA LYS A 74 15.22 -17.14 -9.14
C LYS A 74 14.85 -16.86 -7.68
N LYS A 75 13.84 -16.03 -7.47
CA LYS A 75 13.32 -15.69 -6.13
C LYS A 75 12.48 -16.82 -5.46
N GLY A 76 11.49 -17.37 -6.16
CA GLY A 76 10.52 -18.29 -5.53
C GLY A 76 10.77 -19.79 -5.61
N GLY A 77 11.71 -20.22 -6.46
CA GLY A 77 12.10 -21.63 -6.51
C GLY A 77 10.93 -22.58 -6.71
N LYS A 78 11.04 -23.79 -6.15
CA LYS A 78 9.98 -24.81 -6.25
C LYS A 78 8.58 -24.26 -5.93
N GLU A 79 8.44 -23.47 -4.88
CA GLU A 79 7.11 -23.02 -4.48
C GLU A 79 6.47 -22.23 -5.58
N PHE A 80 7.20 -21.25 -6.05
CA PHE A 80 6.72 -20.47 -7.14
C PHE A 80 6.32 -21.37 -8.29
N VAL A 81 7.21 -22.30 -8.64
CA VAL A 81 6.99 -23.21 -9.77
C VAL A 81 5.85 -24.21 -9.54
N GLU A 82 5.74 -24.72 -8.32
CA GLU A 82 4.63 -25.61 -7.94
C GLU A 82 3.30 -24.93 -8.18
N ALA A 83 3.18 -23.70 -7.68
CA ALA A 83 1.92 -22.94 -7.84
C ALA A 83 1.55 -22.69 -9.30
N VAL A 84 2.54 -22.47 -10.16
CA VAL A 84 2.24 -22.23 -11.58
C VAL A 84 1.73 -23.52 -12.20
N LEU A 85 2.39 -24.62 -11.87
CA LEU A 85 1.99 -25.93 -12.38
C LEU A 85 0.59 -26.31 -11.92
N GLU A 86 0.34 -26.14 -10.63
CA GLU A 86 -1.00 -26.35 -10.10
C GLU A 86 -1.99 -25.55 -10.92
N LEU A 87 -1.63 -24.31 -11.21
CA LEU A 87 -2.52 -23.40 -11.89
C LEU A 87 -2.78 -23.83 -13.32
N ARG A 88 -1.77 -24.41 -13.97
CA ARG A 88 -1.98 -24.95 -15.31
C ARG A 88 -2.93 -26.14 -15.34
N LYS A 89 -2.83 -27.04 -14.36
CA LYS A 89 -3.79 -28.16 -14.25
C LYS A 89 -5.22 -27.61 -14.17
N LYS A 90 -5.45 -26.74 -13.18
CA LYS A 90 -6.78 -26.20 -12.93
C LYS A 90 -7.31 -25.40 -14.11
N ASN A 91 -6.51 -24.46 -14.59
CA ASN A 91 -7.01 -23.50 -15.57
C ASN A 91 -7.11 -24.04 -16.99
N GLY A 92 -6.24 -24.97 -17.35
CA GLY A 92 -6.04 -25.30 -18.77
C GLY A 92 -5.34 -24.18 -19.52
N PRO A 93 -5.24 -24.29 -20.86
CA PRO A 93 -4.60 -23.27 -21.71
C PRO A 93 -5.13 -21.87 -21.48
N LEU A 94 -4.23 -20.89 -21.56
CA LEU A 94 -4.59 -19.50 -21.35
C LEU A 94 -4.89 -18.88 -22.72
N GLU A 95 -6.13 -18.42 -22.95
CA GLU A 95 -6.45 -17.72 -24.21
C GLU A 95 -5.54 -16.49 -24.42
N VAL A 96 -5.43 -16.08 -25.68
CA VAL A 96 -4.77 -14.81 -25.97
C VAL A 96 -5.54 -13.73 -25.24
N ALA A 97 -4.82 -12.86 -24.54
CA ALA A 97 -5.38 -11.79 -23.70
C ALA A 97 -5.79 -12.27 -22.32
N GLY A 98 -5.81 -13.59 -22.11
CA GLY A 98 -6.25 -14.12 -20.84
C GLY A 98 -5.22 -13.89 -19.78
N ALA A 99 -5.70 -13.72 -18.54
CA ALA A 99 -4.91 -13.80 -17.32
C ALA A 99 -5.49 -14.83 -16.31
N ALA A 100 -4.64 -15.30 -15.41
CA ALA A 100 -5.05 -16.22 -14.35
C ALA A 100 -4.11 -15.99 -13.20
N VAL A 101 -4.57 -16.24 -11.98
CA VAL A 101 -3.80 -15.96 -10.77
C VAL A 101 -3.26 -17.24 -10.13
N SER A 102 -2.02 -17.15 -9.64
CA SER A 102 -1.50 -18.14 -8.70
C SER A 102 -1.04 -17.41 -7.46
N ALA A 103 -1.00 -18.13 -6.34
CA ALA A 103 -0.63 -17.54 -5.06
C ALA A 103 0.87 -17.41 -5.13
N GLY A 104 1.39 -16.34 -4.54
CA GLY A 104 2.79 -15.95 -4.68
C GLY A 104 3.64 -16.59 -3.62
N HIS A 105 3.48 -17.92 -3.52
CA HIS A 105 4.25 -18.73 -2.58
C HIS A 105 5.71 -18.49 -2.85
N GLY A 106 6.48 -18.31 -1.78
CA GLY A 106 7.90 -18.06 -1.90
C GLY A 106 8.29 -16.77 -2.61
N LEU A 107 7.35 -15.84 -2.75
CA LEU A 107 7.64 -14.47 -3.26
C LEU A 107 7.09 -13.40 -2.34
N PRO A 108 7.80 -12.25 -2.29
CA PRO A 108 7.37 -11.03 -1.62
C PRO A 108 5.96 -10.65 -2.02
N ALA A 109 5.65 -10.71 -3.32
CA ALA A 109 4.26 -10.54 -3.77
C ALA A 109 3.31 -11.58 -3.20
N LYS A 110 2.07 -11.19 -2.98
CA LYS A 110 1.04 -12.08 -2.48
C LYS A 110 0.43 -12.89 -3.60
N PHE A 111 0.30 -12.29 -4.78
CA PHE A 111 -0.19 -13.04 -5.94
C PHE A 111 0.66 -12.76 -7.20
N VAL A 112 0.58 -13.66 -8.17
CA VAL A 112 1.25 -13.54 -9.43
C VAL A 112 0.16 -13.73 -10.47
N ILE A 113 -0.03 -12.74 -11.32
CA ILE A 113 -1.03 -12.83 -12.39
C ILE A 113 -0.35 -13.15 -13.72
N HIS A 114 -0.63 -14.31 -14.27
CA HIS A 114 -0.03 -14.75 -15.50
C HIS A 114 -0.94 -14.25 -16.60
N CYS A 115 -0.35 -13.60 -17.63
CA CYS A 115 -1.08 -13.16 -18.81
C CYS A 115 -0.38 -13.58 -20.08
N ASN A 116 -1.16 -13.68 -21.13
CA ASN A 116 -0.71 -14.12 -22.41
C ASN A 116 -1.00 -13.02 -23.40
N SER A 117 -0.01 -12.17 -23.64
CA SER A 117 -0.23 -10.98 -24.46
C SER A 117 -0.35 -11.42 -25.90
N PRO A 118 -1.01 -10.62 -26.75
CA PRO A 118 -1.05 -10.87 -28.21
C PRO A 118 0.32 -10.67 -28.83
N VAL A 119 0.53 -11.17 -30.04
CA VAL A 119 1.79 -10.96 -30.75
C VAL A 119 1.64 -9.77 -31.72
N TRP A 120 2.68 -8.95 -31.78
CA TRP A 120 2.72 -7.79 -32.66
C TRP A 120 2.51 -8.28 -34.08
N GLY A 121 1.57 -7.64 -34.78
CA GLY A 121 1.26 -8.01 -36.17
C GLY A 121 -0.05 -8.77 -36.34
N ALA A 122 -0.49 -9.42 -35.27
CA ALA A 122 -1.80 -10.04 -35.26
C ALA A 122 -2.84 -8.93 -35.35
N ASP A 123 -3.96 -9.19 -36.03
CA ASP A 123 -5.08 -8.23 -36.02
C ASP A 123 -5.47 -7.94 -34.59
N LYS A 124 -6.08 -6.78 -34.41
CA LYS A 124 -6.45 -6.37 -33.06
C LYS A 124 -5.37 -6.78 -32.05
N CYS A 125 -4.09 -6.74 -32.44
CA CYS A 125 -3.02 -6.99 -31.45
C CYS A 125 -3.09 -5.88 -30.44
N GLU A 126 -3.31 -4.66 -30.90
CA GLU A 126 -3.42 -3.51 -30.01
C GLU A 126 -4.60 -3.61 -29.07
N GLU A 127 -5.76 -3.99 -29.60
CA GLU A 127 -6.97 -4.12 -28.81
C GLU A 127 -6.76 -5.26 -27.79
N LEU A 128 -6.24 -6.39 -28.28
CA LEU A 128 -5.95 -7.54 -27.43
C LEU A 128 -5.03 -7.19 -26.28
N LEU A 129 -4.10 -6.27 -26.51
CA LEU A 129 -3.16 -5.91 -25.45
C LEU A 129 -3.87 -5.05 -24.40
N GLU A 130 -4.79 -4.20 -24.82
CA GLU A 130 -5.59 -3.43 -23.88
C GLU A 130 -6.46 -4.39 -23.04
N LYS A 131 -7.06 -5.37 -23.71
CA LYS A 131 -7.82 -6.39 -23.03
C LYS A 131 -6.94 -7.07 -21.97
N THR A 132 -5.70 -7.40 -22.37
CA THR A 132 -4.77 -8.12 -21.52
C THR A 132 -4.53 -7.36 -20.25
N VAL A 133 -4.35 -6.06 -20.38
CA VAL A 133 -4.00 -5.27 -19.22
C VAL A 133 -5.20 -5.16 -18.32
N LYS A 134 -6.38 -5.03 -18.92
CA LYS A 134 -7.60 -4.91 -18.18
C LYS A 134 -7.88 -6.20 -17.41
N ASN A 135 -7.62 -7.34 -18.04
CA ASN A 135 -7.77 -8.65 -17.37
C ASN A 135 -6.87 -8.76 -16.14
N CYS A 136 -5.60 -8.34 -16.27
CA CYS A 136 -4.75 -8.31 -15.11
C CYS A 136 -5.39 -7.50 -14.03
N LEU A 137 -5.80 -6.28 -14.37
CA LEU A 137 -6.33 -5.37 -13.36
C LEU A 137 -7.63 -5.91 -12.73
N ALA A 138 -8.51 -6.48 -13.53
CA ALA A 138 -9.77 -7.04 -13.06
C ALA A 138 -9.55 -8.18 -12.07
N LEU A 139 -8.53 -8.98 -12.33
CA LEU A 139 -8.17 -10.11 -11.45
C LEU A 139 -7.63 -9.61 -10.13
N ALA A 140 -6.82 -8.57 -10.15
CA ALA A 140 -6.33 -7.95 -8.91
C ALA A 140 -7.50 -7.33 -8.12
N ASP A 141 -8.49 -6.79 -8.81
CA ASP A 141 -9.65 -6.17 -8.13
C ASP A 141 -10.55 -7.28 -7.60
N ASP A 142 -10.64 -8.34 -8.36
CA ASP A 142 -11.31 -9.57 -7.99
C ASP A 142 -10.86 -10.09 -6.62
N LYS A 143 -9.58 -9.90 -6.29
CA LYS A 143 -9.07 -10.28 -4.97
C LYS A 143 -8.78 -9.06 -4.06
N LYS A 144 -9.35 -7.91 -4.38
CA LYS A 144 -9.27 -6.72 -3.54
C LYS A 144 -7.79 -6.30 -3.26
N LEU A 145 -6.97 -6.43 -4.28
CA LEU A 145 -5.58 -6.05 -4.18
C LEU A 145 -5.44 -4.55 -4.42
N LYS A 146 -4.46 -3.97 -3.73
CA LYS A 146 -4.31 -2.52 -3.67
C LYS A 146 -3.08 -2.06 -4.46
N SER A 147 -2.23 -3.01 -4.87
CA SER A 147 -1.17 -2.71 -5.81
C SER A 147 -0.89 -3.84 -6.79
N ILE A 148 -0.40 -3.45 -7.96
CA ILE A 148 0.00 -4.37 -9.02
C ILE A 148 1.25 -3.80 -9.74
N ALA A 149 2.23 -4.67 -9.96
CA ALA A 149 3.50 -4.35 -10.61
C ALA A 149 3.49 -4.96 -12.00
N PHE A 150 3.59 -4.11 -13.02
CA PHE A 150 3.57 -4.57 -14.40
C PHE A 150 4.99 -4.52 -14.87
N PRO A 151 5.48 -5.54 -15.60
CA PRO A 151 6.74 -5.30 -16.29
C PRO A 151 6.36 -4.74 -17.65
N SER A 152 7.32 -4.66 -18.54
CA SER A 152 7.07 -4.20 -19.89
C SER A 152 6.33 -5.27 -20.68
N ILE A 153 5.03 -5.20 -20.78
CA ILE A 153 4.31 -6.30 -21.43
C ILE A 153 4.30 -6.08 -22.93
N GLY A 154 4.42 -7.17 -23.68
CA GLY A 154 4.41 -7.12 -25.13
C GLY A 154 5.75 -6.87 -25.80
N SER A 155 6.52 -5.93 -25.27
CA SER A 155 7.65 -5.40 -26.05
C SER A 155 8.89 -6.30 -26.12
N GLY A 156 8.93 -7.40 -25.37
CA GLY A 156 10.04 -8.32 -25.51
C GLY A 156 9.97 -9.17 -26.77
N ARG A 157 9.47 -10.40 -26.60
CA ARG A 157 9.37 -11.39 -27.65
C ARG A 157 8.06 -11.28 -28.42
N ASN A 158 7.06 -10.67 -27.81
CA ASN A 158 5.81 -10.40 -28.50
C ASN A 158 6.01 -9.26 -29.53
N GLY A 159 7.18 -8.64 -29.53
CA GLY A 159 7.66 -7.84 -30.67
C GLY A 159 7.11 -6.43 -30.78
N PHE A 160 6.34 -5.97 -29.78
CA PHE A 160 5.76 -4.64 -29.79
C PHE A 160 6.84 -3.59 -29.66
N PRO A 161 6.73 -2.49 -30.42
CA PRO A 161 7.59 -1.37 -30.11
C PRO A 161 7.31 -0.81 -28.73
N LYS A 162 8.37 -0.41 -28.06
CA LYS A 162 8.30 0.11 -26.72
C LYS A 162 7.34 1.30 -26.55
N GLN A 163 7.28 2.16 -27.55
CA GLN A 163 6.39 3.32 -27.51
C GLN A 163 4.90 2.87 -27.60
N THR A 164 4.62 2.04 -28.59
CA THR A 164 3.30 1.46 -28.80
C THR A 164 2.80 0.65 -27.58
N ALA A 165 3.62 -0.27 -27.09
CA ALA A 165 3.30 -1.05 -25.89
C ALA A 165 2.99 -0.11 -24.71
N ALA A 166 3.89 0.81 -24.45
CA ALA A 166 3.72 1.73 -23.33
C ALA A 166 2.42 2.53 -23.43
N GLN A 167 2.04 2.93 -24.65
CA GLN A 167 0.87 3.78 -24.88
C GLN A 167 -0.43 3.01 -24.73
N LEU A 168 -0.45 1.82 -25.29
CA LEU A 168 -1.58 0.91 -25.15
C LEU A 168 -1.81 0.53 -23.69
N ILE A 169 -0.73 0.23 -22.99
CA ILE A 169 -0.85 -0.18 -21.60
C ILE A 169 -1.43 0.95 -20.77
N LEU A 170 -0.81 2.12 -20.85
CA LEU A 170 -1.27 3.27 -20.09
C LEU A 170 -2.69 3.74 -20.46
N LYS A 171 -3.10 3.51 -21.70
CA LYS A 171 -4.45 3.86 -22.16
C LYS A 171 -5.46 2.87 -21.53
N ALA A 172 -5.15 1.58 -21.61
CA ALA A 172 -5.94 0.53 -20.97
C ALA A 172 -6.16 0.84 -19.49
N ILE A 173 -5.09 1.21 -18.82
CA ILE A 173 -5.10 1.42 -17.38
C ILE A 173 -5.95 2.60 -17.00
N SER A 174 -5.86 3.66 -17.81
CA SER A 174 -6.66 4.86 -17.63
C SER A 174 -8.14 4.59 -17.92
N SER A 175 -8.38 3.84 -18.98
CA SER A 175 -9.73 3.47 -19.36
C SER A 175 -10.36 2.66 -18.23
N TYR A 176 -9.65 1.64 -17.77
CA TYR A 176 -10.12 0.78 -16.70
C TYR A 176 -10.56 1.59 -15.48
N PHE A 177 -9.70 2.50 -15.04
CA PHE A 177 -10.01 3.15 -13.78
C PHE A 177 -11.19 4.14 -13.86
N VAL A 178 -11.32 4.84 -14.99
CA VAL A 178 -12.44 5.73 -15.17
C VAL A 178 -13.74 4.93 -15.34
N SER A 179 -13.61 3.68 -15.80
CA SER A 179 -14.76 2.80 -16.07
C SER A 179 -15.08 1.78 -14.98
N THR A 180 -14.26 1.71 -13.94
CA THR A 180 -14.46 0.78 -12.86
C THR A 180 -14.28 1.52 -11.53
N MET A 181 -15.31 2.24 -11.12
CA MET A 181 -15.37 2.96 -9.83
C MET A 181 -15.19 2.06 -8.60
N SER A 182 -15.48 0.77 -8.73
CA SER A 182 -15.42 -0.17 -7.61
C SER A 182 -14.03 -0.72 -7.40
N SER A 183 -13.12 -0.40 -8.34
CA SER A 183 -11.72 -0.77 -8.25
C SER A 183 -11.04 -0.41 -6.93
N SER A 184 -10.29 -1.36 -6.40
CA SER A 184 -9.63 -1.24 -5.13
C SER A 184 -8.17 -0.83 -5.35
N ILE A 185 -7.63 -1.12 -6.53
CA ILE A 185 -6.26 -0.81 -6.86
C ILE A 185 -5.92 0.66 -6.65
N LYS A 186 -4.91 0.90 -5.84
CA LYS A 186 -4.45 2.23 -5.49
C LYS A 186 -3.08 2.57 -6.08
N THR A 187 -2.20 1.58 -6.31
CA THR A 187 -0.89 1.83 -6.94
C THR A 187 -0.57 0.86 -8.09
N VAL A 188 -0.12 1.37 -9.24
CA VAL A 188 0.45 0.46 -10.23
C VAL A 188 1.86 0.85 -10.57
N TYR A 189 2.71 -0.17 -10.61
CA TYR A 189 4.14 0.03 -10.81
C TYR A 189 4.43 -0.41 -12.21
N PHE A 190 5.34 0.29 -12.86
CA PHE A 190 5.90 -0.14 -14.13
C PHE A 190 7.34 -0.37 -13.82
N VAL A 191 7.75 -1.63 -13.92
CA VAL A 191 9.07 -2.00 -13.49
C VAL A 191 9.93 -2.26 -14.72
N LEU A 192 11.00 -1.49 -14.86
CA LEU A 192 11.78 -1.55 -16.08
C LEU A 192 13.26 -1.58 -15.80
N PHE A 193 13.99 -2.30 -16.63
CA PHE A 193 15.39 -2.52 -16.39
C PHE A 193 16.19 -1.53 -17.24
N ASP A 194 15.68 -1.16 -18.41
CA ASP A 194 16.50 -0.33 -19.31
C ASP A 194 16.06 1.12 -19.42
N SER A 195 17.05 1.98 -19.64
CA SER A 195 16.88 3.41 -19.65
C SER A 195 15.94 3.93 -20.73
N GLU A 196 16.07 3.42 -21.94
CA GLU A 196 15.17 3.84 -23.00
C GLU A 196 13.69 3.57 -22.64
N SER A 197 13.42 2.39 -22.09
CA SER A 197 12.07 2.05 -21.68
C SER A 197 11.57 2.97 -20.58
N ILE A 198 12.45 3.29 -19.65
CA ILE A 198 12.10 4.17 -18.56
C ILE A 198 11.74 5.55 -19.10
N GLY A 199 12.56 6.08 -19.99
CA GLY A 199 12.29 7.36 -20.59
C GLY A 199 10.97 7.30 -21.31
N ILE A 200 10.66 6.18 -21.93
CA ILE A 200 9.38 6.10 -22.63
C ILE A 200 8.17 6.11 -21.68
N TYR A 201 8.10 5.17 -20.75
CA TYR A 201 7.03 5.18 -19.76
C TYR A 201 6.88 6.55 -19.07
N VAL A 202 7.99 7.17 -18.70
CA VAL A 202 7.95 8.46 -18.02
C VAL A 202 7.22 9.50 -18.86
N GLN A 203 7.57 9.58 -20.14
CA GLN A 203 6.90 10.51 -21.05
C GLN A 203 5.42 10.16 -21.25
N GLU A 204 5.11 8.87 -21.27
CA GLU A 204 3.76 8.46 -21.60
C GLU A 204 2.82 8.67 -20.44
N MET A 205 3.24 8.28 -19.25
CA MET A 205 2.50 8.57 -18.03
C MET A 205 2.18 10.04 -17.87
N ALA A 206 3.21 10.85 -18.08
CA ALA A 206 3.09 12.30 -17.99
C ALA A 206 1.98 12.87 -18.87
N LYS A 207 1.75 12.27 -20.03
CA LYS A 207 0.61 12.62 -20.90
C LYS A 207 -0.75 12.30 -20.29
N LEU A 208 -0.80 11.37 -19.35
CA LEU A 208 -2.06 11.05 -18.73
C LEU A 208 -2.37 12.06 -17.66
N ASP A 209 -3.59 12.52 -17.68
CA ASP A 209 -4.17 12.96 -16.46
C ASP A 209 -5.42 12.12 -16.25
N ALA A 210 -6.16 11.85 -17.33
CA ALA A 210 -7.48 11.22 -17.25
C ALA A 210 -7.30 9.75 -16.96
N GLY B 24 7.04 1.82 32.84
CA GLY B 24 5.70 2.00 33.46
C GLY B 24 4.59 2.09 32.42
N PHE B 25 4.61 1.14 31.46
CA PHE B 25 3.44 0.90 30.61
C PHE B 25 2.28 0.53 31.53
N THR B 26 1.25 1.38 31.55
CA THR B 26 0.17 1.25 32.54
C THR B 26 -1.17 1.59 31.91
N VAL B 27 -2.08 0.62 31.81
CA VAL B 27 -3.39 0.88 31.20
C VAL B 27 -4.05 1.90 32.07
N LEU B 28 -4.60 2.96 31.48
CA LEU B 28 -5.24 3.99 32.30
C LEU B 28 -6.75 3.93 32.23
N SER B 29 -7.25 3.26 31.21
CA SER B 29 -8.68 3.25 30.94
C SER B 29 -8.90 2.42 29.68
N THR B 30 -9.94 1.59 29.72
CA THR B 30 -10.24 0.63 28.66
C THR B 30 -11.60 0.94 28.05
N LYS B 31 -11.88 0.38 26.88
CA LYS B 31 -13.22 0.43 26.28
C LYS B 31 -13.38 -0.67 25.20
N SER B 32 -14.35 -1.56 25.44
CA SER B 32 -14.70 -2.64 24.53
C SER B 32 -15.82 -2.25 23.58
N LEU B 33 -15.44 -1.67 22.45
CA LEU B 33 -16.34 -1.58 21.32
C LEU B 33 -16.92 -2.97 21.12
N PHE B 34 -18.24 -3.08 21.16
CA PHE B 34 -18.87 -4.41 21.28
C PHE B 34 -18.82 -5.23 19.97
N LEU B 35 -17.83 -4.96 19.13
CA LEU B 35 -17.43 -5.90 18.08
C LEU B 35 -16.22 -6.74 18.55
N GLY B 36 -15.63 -6.35 19.69
CA GLY B 36 -14.54 -7.12 20.30
C GLY B 36 -13.28 -6.33 20.58
N GLN B 37 -13.24 -5.10 20.10
CA GLN B 37 -12.00 -4.35 20.07
C GLN B 37 -11.74 -3.64 21.40
N LYS B 38 -10.45 -3.54 21.76
CA LYS B 38 -10.00 -2.98 23.01
C LYS B 38 -9.31 -1.67 22.67
N LEU B 39 -9.95 -0.54 22.98
CA LEU B 39 -9.31 0.78 22.99
C LEU B 39 -8.78 1.02 24.40
N GLN B 40 -7.52 1.43 24.55
CA GLN B 40 -6.98 1.69 25.89
C GLN B 40 -6.05 2.89 25.91
N VAL B 41 -6.17 3.72 26.93
CA VAL B 41 -5.31 4.89 27.08
C VAL B 41 -4.17 4.51 28.00
N VAL B 42 -2.95 4.88 27.65
CA VAL B 42 -1.78 4.35 28.37
C VAL B 42 -0.65 5.36 28.56
N GLN B 43 0.10 5.19 29.63
CA GLN B 43 1.21 6.06 29.99
C GLN B 43 2.49 5.37 29.57
N ALA B 44 3.13 5.86 28.51
CA ALA B 44 4.42 5.31 28.13
C ALA B 44 5.10 6.01 26.96
N ASP B 45 6.37 5.67 26.77
CA ASP B 45 7.09 6.06 25.56
C ASP B 45 6.62 5.23 24.38
N ILE B 46 5.86 5.81 23.44
CA ILE B 46 5.41 5.05 22.25
C ILE B 46 6.55 4.17 21.70
N ALA B 47 7.76 4.71 21.69
CA ALA B 47 8.96 4.00 21.19
C ALA B 47 9.16 2.62 21.81
N SER B 48 8.78 2.50 23.08
CA SER B 48 9.03 1.32 23.87
C SER B 48 7.86 0.34 23.92
N ILE B 49 6.75 0.65 23.25
CA ILE B 49 5.52 -0.12 23.44
C ILE B 49 5.51 -1.43 22.69
N ASP B 50 5.03 -2.48 23.35
CA ASP B 50 5.14 -3.84 22.82
C ASP B 50 4.18 -4.10 21.63
N SER B 51 3.52 -3.04 21.13
CA SER B 51 2.51 -3.09 20.09
C SER B 51 3.08 -3.52 18.74
N ASP B 52 2.22 -3.98 17.83
CA ASP B 52 2.63 -4.42 16.49
C ASP B 52 2.98 -3.22 15.62
N ALA B 53 2.07 -2.25 15.59
CA ALA B 53 2.26 -1.02 14.83
C ALA B 53 2.34 0.14 15.81
N VAL B 54 3.20 1.10 15.49
CA VAL B 54 3.23 2.37 16.20
C VAL B 54 3.05 3.42 15.15
N VAL B 55 2.26 4.43 15.49
CA VAL B 55 1.92 5.46 14.53
C VAL B 55 2.80 6.67 14.70
N HIS B 56 3.37 7.16 13.60
CA HIS B 56 4.29 8.32 13.61
C HIS B 56 3.79 9.47 12.72
N PRO B 57 3.24 10.54 13.32
CA PRO B 57 2.84 11.69 12.55
C PRO B 57 4.04 12.43 11.95
N THR B 58 3.92 12.76 10.67
CA THR B 58 4.97 13.43 9.88
C THR B 58 4.39 14.41 8.91
N ASN B 59 5.25 14.94 8.04
CA ASN B 59 4.86 15.77 6.93
C ASN B 59 4.98 15.01 5.60
N THR B 60 4.96 15.75 4.51
CA THR B 60 5.18 15.19 3.17
C THR B 60 6.52 14.48 2.98
N ASP B 61 7.51 14.79 3.81
CA ASP B 61 8.86 14.24 3.60
C ASP B 61 9.32 13.28 4.71
N PHE B 62 8.38 12.60 5.35
CA PHE B 62 8.74 11.72 6.44
C PHE B 62 9.81 12.38 7.33
N TYR B 63 9.55 13.62 7.75
CA TYR B 63 10.42 14.32 8.71
C TYR B 63 10.35 13.66 10.07
N ILE B 64 11.49 13.37 10.69
CA ILE B 64 11.47 12.77 12.01
C ILE B 64 11.78 13.81 13.08
N GLY B 65 10.75 14.40 13.65
CA GLY B 65 10.94 15.26 14.81
C GLY B 65 9.66 15.27 15.61
N GLY B 66 9.38 16.36 16.29
CA GLY B 66 8.21 16.38 17.15
C GLY B 66 8.31 15.32 18.24
N GLU B 67 7.38 15.38 19.19
CA GLU B 67 7.45 14.51 20.35
C GLU B 67 7.73 13.05 19.89
N VAL B 68 6.98 12.55 18.91
CA VAL B 68 7.03 11.13 18.61
C VAL B 68 8.32 10.67 17.93
N GLY B 69 8.68 11.33 16.83
CA GLY B 69 9.89 10.98 16.09
C GLY B 69 11.14 11.10 16.91
N ASN B 70 11.21 12.16 17.72
CA ASN B 70 12.30 12.31 18.67
C ASN B 70 12.60 11.02 19.42
N THR B 71 11.59 10.36 19.96
CA THR B 71 11.83 9.16 20.77
C THR B 71 11.97 7.91 19.93
N LEU B 72 11.19 7.81 18.86
CA LEU B 72 11.35 6.72 17.90
C LEU B 72 12.81 6.63 17.44
N GLU B 73 13.47 7.77 17.34
CA GLU B 73 14.89 7.77 17.03
C GLU B 73 15.65 7.25 18.25
N LYS B 74 15.35 7.85 19.41
CA LYS B 74 16.03 7.51 20.66
C LYS B 74 16.12 5.99 20.82
N LYS B 75 14.98 5.32 20.74
CA LYS B 75 14.94 3.85 20.81
C LYS B 75 15.52 3.22 19.54
N GLY B 76 15.16 3.75 18.38
CA GLY B 76 15.46 3.12 17.09
C GLY B 76 16.83 3.35 16.46
N GLY B 77 17.45 4.50 16.72
CA GLY B 77 18.76 4.85 16.17
C GLY B 77 18.94 4.67 14.67
N LYS B 78 20.19 4.50 14.24
CA LYS B 78 20.52 4.32 12.83
C LYS B 78 19.51 3.43 12.10
N GLU B 79 19.10 2.33 12.73
CA GLU B 79 18.19 1.35 12.09
C GLU B 79 16.77 1.87 11.87
N PHE B 80 16.29 2.77 12.73
CA PHE B 80 15.00 3.43 12.51
C PHE B 80 15.07 4.43 11.36
N VAL B 81 16.09 5.29 11.38
CA VAL B 81 16.18 6.40 10.43
C VAL B 81 16.32 5.88 9.01
N GLU B 82 17.25 4.94 8.84
CA GLU B 82 17.50 4.32 7.54
C GLU B 82 16.23 3.67 6.97
N ALA B 83 15.46 3.01 7.83
CA ALA B 83 14.19 2.38 7.41
C ALA B 83 13.17 3.41 6.88
N VAL B 84 13.23 4.64 7.40
CA VAL B 84 12.33 5.73 6.99
C VAL B 84 12.82 6.34 5.70
N LEU B 85 14.14 6.54 5.59
CA LEU B 85 14.77 6.92 4.31
C LEU B 85 14.46 5.91 3.21
N GLU B 86 14.65 4.63 3.51
CA GLU B 86 14.31 3.57 2.57
C GLU B 86 12.82 3.61 2.22
N LEU B 87 11.95 3.93 3.20
CA LEU B 87 10.50 4.07 2.93
C LEU B 87 10.17 5.30 2.07
N ARG B 88 10.90 6.38 2.31
CA ARG B 88 10.76 7.57 1.52
C ARG B 88 10.96 7.21 0.05
N LYS B 89 12.05 6.50 -0.27
CA LYS B 89 12.40 6.16 -1.67
C LYS B 89 11.30 5.38 -2.32
N LYS B 90 10.77 4.42 -1.55
CA LYS B 90 9.80 3.44 -2.04
C LYS B 90 8.41 4.05 -2.23
N ASN B 91 8.09 5.11 -1.48
CA ASN B 91 6.71 5.67 -1.43
C ASN B 91 6.50 6.92 -2.27
N GLY B 92 7.57 7.68 -2.46
CA GLY B 92 7.43 9.04 -2.93
C GLY B 92 6.93 9.83 -1.74
N PRO B 93 6.53 11.10 -1.96
CA PRO B 93 6.04 11.89 -0.80
C PRO B 93 4.68 11.42 -0.26
N LEU B 94 4.38 11.87 0.94
CA LEU B 94 3.19 11.46 1.65
C LEU B 94 2.03 12.50 1.51
N GLU B 95 1.10 12.21 0.59
CA GLU B 95 -0.22 12.87 0.54
C GLU B 95 -0.77 13.19 1.96
N VAL B 96 -1.45 14.34 2.06
CA VAL B 96 -2.22 14.71 3.25
C VAL B 96 -3.21 13.60 3.54
N ALA B 97 -3.32 13.22 4.81
CA ALA B 97 -4.11 12.07 5.26
C ALA B 97 -3.69 10.75 4.62
N GLY B 98 -2.47 10.66 4.11
CA GLY B 98 -1.99 9.40 3.59
C GLY B 98 -1.21 8.72 4.68
N ALA B 99 -0.96 7.43 4.54
CA ALA B 99 -0.07 6.74 5.47
C ALA B 99 0.77 5.65 4.79
N ALA B 100 1.98 5.42 5.32
CA ALA B 100 2.91 4.42 4.77
C ALA B 100 3.65 3.70 5.89
N VAL B 101 4.04 2.45 5.63
CA VAL B 101 4.62 1.53 6.62
C VAL B 101 6.11 1.25 6.35
N SER B 102 6.91 1.11 7.41
CA SER B 102 8.29 0.67 7.30
C SER B 102 8.55 -0.30 8.44
N ALA B 103 9.51 -1.21 8.28
CA ALA B 103 9.81 -2.18 9.35
C ALA B 103 10.33 -1.46 10.58
N GLY B 104 9.88 -1.89 11.75
CA GLY B 104 10.29 -1.27 13.01
C GLY B 104 11.63 -1.81 13.45
N HIS B 105 12.64 -1.70 12.58
CA HIS B 105 14.00 -2.14 12.92
C HIS B 105 14.53 -1.36 14.11
N GLY B 106 15.06 -2.08 15.09
CA GLY B 106 15.57 -1.47 16.30
C GLY B 106 14.49 -1.13 17.29
N LEU B 107 13.24 -1.18 16.83
CA LEU B 107 12.10 -0.89 17.67
C LEU B 107 11.48 -2.18 18.15
N PRO B 108 10.83 -2.14 19.32
CA PRO B 108 10.01 -3.27 19.74
C PRO B 108 8.80 -3.46 18.83
N ALA B 109 8.22 -2.37 18.30
CA ALA B 109 7.14 -2.45 17.32
C ALA B 109 7.62 -3.15 16.05
N LYS B 110 6.80 -4.07 15.55
CA LYS B 110 7.08 -4.75 14.30
C LYS B 110 7.14 -3.75 13.16
N PHE B 111 6.25 -2.76 13.22
CA PHE B 111 6.03 -1.84 12.12
C PHE B 111 5.76 -0.41 12.60
N VAL B 112 6.18 0.56 11.79
CA VAL B 112 5.82 1.97 12.03
C VAL B 112 4.92 2.42 10.93
N ILE B 113 3.79 3.04 11.29
CA ILE B 113 2.88 3.60 10.29
C ILE B 113 3.02 5.09 10.37
N HIS B 114 3.51 5.69 9.30
CA HIS B 114 3.76 7.12 9.23
C HIS B 114 2.54 7.70 8.62
N CYS B 115 2.09 8.83 9.13
CA CYS B 115 0.93 9.46 8.51
C CYS B 115 1.08 10.94 8.48
N ASN B 116 0.28 11.55 7.61
CA ASN B 116 0.36 12.95 7.36
C ASN B 116 -0.99 13.57 7.63
N SER B 117 -1.20 13.95 8.87
CA SER B 117 -2.43 14.61 9.25
C SER B 117 -2.61 15.95 8.55
N PRO B 118 -3.88 16.34 8.33
CA PRO B 118 -4.15 17.70 7.86
C PRO B 118 -3.83 18.68 8.95
N VAL B 119 -4.03 19.96 8.64
CA VAL B 119 -3.87 21.02 9.60
C VAL B 119 -5.28 21.55 9.80
N TRP B 120 -5.54 22.09 10.98
CA TRP B 120 -6.85 22.66 11.26
C TRP B 120 -7.04 23.97 10.50
N GLY B 121 -8.26 24.21 10.01
CA GLY B 121 -8.57 25.43 9.24
C GLY B 121 -8.40 25.28 7.73
N ALA B 122 -8.00 24.08 7.32
CA ALA B 122 -7.93 23.68 5.90
C ALA B 122 -9.21 22.97 5.48
N ASP B 123 -9.50 22.95 4.18
CA ASP B 123 -10.71 22.34 3.65
C ASP B 123 -10.89 20.85 3.98
N LYS B 124 -12.06 20.55 4.56
CA LYS B 124 -12.48 19.20 4.93
C LYS B 124 -11.45 18.48 5.83
N CYS B 125 -10.81 19.26 6.70
CA CYS B 125 -9.71 18.78 7.53
C CYS B 125 -10.14 17.79 8.61
N GLU B 126 -11.39 17.90 9.08
CA GLU B 126 -11.91 16.96 10.10
C GLU B 126 -12.05 15.59 9.47
N GLU B 127 -12.64 15.58 8.29
CA GLU B 127 -12.83 14.37 7.54
C GLU B 127 -11.51 13.83 7.01
N LEU B 128 -10.51 14.71 6.89
CA LEU B 128 -9.18 14.26 6.47
C LEU B 128 -8.42 13.63 7.64
N LEU B 129 -8.72 14.09 8.85
CA LEU B 129 -8.17 13.47 10.07
C LEU B 129 -8.72 12.04 10.22
N GLU B 130 -10.04 11.90 10.16
CA GLU B 130 -10.66 10.57 10.24
C GLU B 130 -9.99 9.64 9.27
N LYS B 131 -9.95 10.07 8.00
CA LYS B 131 -9.29 9.33 6.90
C LYS B 131 -7.83 9.00 7.19
N THR B 132 -7.11 9.95 7.79
CA THR B 132 -5.73 9.68 8.19
C THR B 132 -5.69 8.46 9.11
N VAL B 133 -6.63 8.46 10.07
CA VAL B 133 -6.74 7.41 11.06
C VAL B 133 -7.20 6.10 10.42
N LYS B 134 -8.17 6.19 9.53
CA LYS B 134 -8.65 5.03 8.77
C LYS B 134 -7.59 4.48 7.80
N ASN B 135 -6.74 5.34 7.25
CA ASN B 135 -5.62 4.86 6.43
C ASN B 135 -4.56 4.15 7.26
N CYS B 136 -4.42 4.52 8.53
CA CYS B 136 -3.47 3.84 9.40
C CYS B 136 -4.03 2.46 9.70
N LEU B 137 -5.23 2.47 10.26
CA LEU B 137 -5.94 1.24 10.55
C LEU B 137 -5.91 0.30 9.33
N ALA B 138 -6.41 0.76 8.19
CA ALA B 138 -6.44 -0.05 6.95
C ALA B 138 -5.08 -0.65 6.57
N LEU B 139 -4.01 0.14 6.71
CA LEU B 139 -2.64 -0.35 6.54
C LEU B 139 -2.31 -1.51 7.47
N ALA B 140 -2.61 -1.35 8.75
CA ALA B 140 -2.31 -2.37 9.74
C ALA B 140 -3.11 -3.67 9.50
N ASP B 141 -4.20 -3.57 8.74
CA ASP B 141 -5.02 -4.74 8.36
C ASP B 141 -4.51 -5.40 7.08
N ASP B 142 -3.92 -4.61 6.18
CA ASP B 142 -3.22 -5.17 5.01
C ASP B 142 -2.14 -6.15 5.47
N LYS B 143 -1.50 -5.83 6.60
CA LYS B 143 -0.39 -6.63 7.16
C LYS B 143 -0.82 -7.50 8.35
N LYS B 144 -2.13 -7.73 8.48
CA LYS B 144 -2.72 -8.70 9.43
C LYS B 144 -2.30 -8.50 10.90
N LEU B 145 -2.16 -7.25 11.33
CA LEU B 145 -1.71 -6.93 12.71
C LEU B 145 -2.88 -6.91 13.69
N LYS B 146 -2.56 -7.10 14.96
CA LYS B 146 -3.58 -7.18 16.02
C LYS B 146 -3.44 -6.13 17.12
N SER B 147 -2.59 -5.13 16.88
CA SER B 147 -2.44 -3.99 17.80
C SER B 147 -1.76 -2.82 17.11
N ILE B 148 -1.99 -1.62 17.63
CA ILE B 148 -1.44 -0.39 17.06
C ILE B 148 -1.47 0.72 18.10
N ALA B 149 -0.33 1.39 18.32
CA ALA B 149 -0.25 2.51 19.26
C ALA B 149 -0.34 3.80 18.45
N PHE B 150 -1.30 4.63 18.81
CA PHE B 150 -1.43 5.99 18.31
C PHE B 150 -0.92 6.95 19.38
N PRO B 151 -0.21 8.01 18.98
CA PRO B 151 0.01 9.10 19.93
C PRO B 151 -1.10 10.08 19.71
N SER B 152 -1.04 11.22 20.37
CA SER B 152 -1.98 12.27 20.00
C SER B 152 -1.71 12.69 18.58
N ILE B 153 -2.74 12.81 17.77
CA ILE B 153 -2.59 13.29 16.38
C ILE B 153 -3.45 14.54 16.20
N GLY B 154 -2.95 15.49 15.43
CA GLY B 154 -3.76 16.62 14.95
C GLY B 154 -3.52 17.85 15.75
N SER B 155 -3.48 17.72 17.07
CA SER B 155 -3.52 18.89 17.95
C SER B 155 -2.21 19.57 18.27
N GLY B 156 -1.07 18.93 17.99
CA GLY B 156 0.22 19.65 18.21
C GLY B 156 0.52 20.81 17.19
N ARG B 157 1.49 20.56 16.31
CA ARG B 157 1.82 21.46 15.19
C ARG B 157 0.60 21.79 14.36
N ASN B 158 -0.21 20.76 14.13
CA ASN B 158 -1.25 20.79 13.12
C ASN B 158 -2.54 21.47 13.64
N GLY B 159 -2.51 21.96 14.88
CA GLY B 159 -3.48 22.98 15.33
C GLY B 159 -4.92 22.61 15.64
N PHE B 160 -5.28 21.33 15.63
CA PHE B 160 -6.64 20.92 16.01
C PHE B 160 -6.86 21.13 17.50
N PRO B 161 -7.99 21.71 17.90
CA PRO B 161 -8.35 21.70 19.33
C PRO B 161 -8.31 20.28 19.89
N LYS B 162 -7.59 20.10 20.99
CA LYS B 162 -7.37 18.80 21.62
C LYS B 162 -8.59 17.88 21.66
N GLN B 163 -9.73 18.46 22.03
CA GLN B 163 -10.99 17.73 22.18
C GLN B 163 -11.58 17.30 20.84
N THR B 164 -11.50 18.18 19.85
CA THR B 164 -12.07 17.92 18.54
C THR B 164 -11.29 16.83 17.86
N ALA B 165 -9.98 16.87 18.01
CA ALA B 165 -9.12 15.84 17.44
C ALA B 165 -9.44 14.50 18.08
N ALA B 166 -9.57 14.48 19.40
CA ALA B 166 -9.99 13.26 20.10
C ALA B 166 -11.34 12.70 19.62
N GLN B 167 -12.39 13.52 19.60
CA GLN B 167 -13.71 13.12 19.07
C GLN B 167 -13.53 12.41 17.76
N LEU B 168 -12.90 13.09 16.82
CA LEU B 168 -12.76 12.59 15.46
C LEU B 168 -11.97 11.30 15.42
N ILE B 169 -10.82 11.25 16.11
CA ILE B 169 -9.98 10.06 16.06
C ILE B 169 -10.78 8.85 16.57
N LEU B 170 -11.37 8.99 17.75
CA LEU B 170 -12.22 7.95 18.34
C LEU B 170 -13.37 7.59 17.41
N LYS B 171 -14.01 8.59 16.84
CA LYS B 171 -15.10 8.41 15.88
C LYS B 171 -14.69 7.55 14.67
N ALA B 172 -13.60 7.95 14.02
CA ALA B 172 -13.08 7.25 12.84
C ALA B 172 -12.79 5.77 13.12
N ILE B 173 -12.22 5.50 14.29
CA ILE B 173 -11.90 4.14 14.72
C ILE B 173 -13.16 3.31 14.86
N SER B 174 -14.07 3.77 15.72
CA SER B 174 -15.38 3.16 15.89
C SER B 174 -16.04 2.91 14.55
N SER B 175 -16.17 3.97 13.77
CA SER B 175 -16.76 3.92 12.44
C SER B 175 -16.09 2.83 11.61
N TYR B 176 -14.74 2.85 11.58
CA TYR B 176 -13.93 1.87 10.85
C TYR B 176 -14.29 0.43 11.23
N PHE B 177 -14.14 0.11 12.51
CA PHE B 177 -14.39 -1.26 12.99
C PHE B 177 -15.81 -1.81 12.66
N VAL B 178 -16.81 -0.96 12.84
CA VAL B 178 -18.16 -1.18 12.33
C VAL B 178 -18.17 -1.53 10.83
N SER B 179 -17.46 -0.75 10.03
CA SER B 179 -17.37 -0.98 8.57
C SER B 179 -16.55 -2.22 8.23
N THR B 180 -15.45 -2.41 8.95
CA THR B 180 -14.55 -3.51 8.65
C THR B 180 -14.93 -4.71 9.52
N MET B 181 -15.71 -5.60 8.92
CA MET B 181 -16.18 -6.80 9.59
C MET B 181 -15.00 -7.71 9.89
N SER B 182 -14.29 -8.11 8.84
CA SER B 182 -13.13 -8.99 8.97
C SER B 182 -11.84 -8.19 9.11
N SER B 183 -11.88 -7.17 9.97
CA SER B 183 -10.69 -6.51 10.52
C SER B 183 -10.01 -7.47 11.49
N SER B 184 -8.72 -7.27 11.74
CA SER B 184 -7.96 -8.14 12.66
C SER B 184 -7.40 -7.44 13.90
N ILE B 185 -7.48 -6.11 13.95
CA ILE B 185 -6.90 -5.34 15.06
C ILE B 185 -7.78 -5.57 16.27
N LYS B 186 -7.21 -6.17 17.32
CA LYS B 186 -7.93 -6.49 18.56
C LYS B 186 -7.72 -5.41 19.63
N THR B 187 -6.61 -4.69 19.51
CA THR B 187 -6.32 -3.57 20.44
C THR B 187 -5.70 -2.30 19.77
N VAL B 188 -6.10 -1.14 20.27
CA VAL B 188 -5.52 0.12 19.83
C VAL B 188 -5.23 0.95 21.07
N TYR B 189 -3.94 1.27 21.28
CA TYR B 189 -3.48 2.07 22.42
C TYR B 189 -3.36 3.55 22.06
N PHE B 190 -3.93 4.41 22.88
CA PHE B 190 -3.68 5.82 22.77
C PHE B 190 -2.68 6.18 23.85
N VAL B 191 -1.47 6.61 23.43
CA VAL B 191 -0.35 6.84 24.34
C VAL B 191 -0.03 8.33 24.48
N LEU B 192 -0.16 8.87 25.68
CA LEU B 192 -0.20 10.31 25.85
C LEU B 192 0.63 10.81 27.04
N PHE B 193 1.14 12.03 26.86
CA PHE B 193 2.21 12.61 27.69
C PHE B 193 1.59 13.47 28.79
N ASP B 194 0.61 14.32 28.42
CA ASP B 194 0.08 15.30 29.39
C ASP B 194 -1.32 14.99 29.95
N SER B 195 -1.51 15.36 31.20
CA SER B 195 -2.75 15.06 31.94
C SER B 195 -4.02 15.53 31.23
N GLU B 196 -3.99 16.72 30.66
CA GLU B 196 -5.15 17.25 29.96
C GLU B 196 -5.55 16.38 28.77
N SER B 197 -4.58 15.84 28.05
CA SER B 197 -4.92 15.02 26.90
C SER B 197 -5.50 13.71 27.33
N ILE B 198 -4.95 13.19 28.42
CA ILE B 198 -5.45 11.94 28.98
C ILE B 198 -6.89 12.15 29.47
N GLY B 199 -7.12 13.24 30.20
CA GLY B 199 -8.48 13.61 30.59
C GLY B 199 -9.43 13.60 29.41
N ILE B 200 -8.99 14.19 28.30
CA ILE B 200 -9.82 14.35 27.11
C ILE B 200 -10.12 13.00 26.43
N TYR B 201 -9.09 12.21 26.13
CA TYR B 201 -9.30 10.85 25.59
C TYR B 201 -10.21 9.98 26.48
N VAL B 202 -10.05 10.12 27.77
CA VAL B 202 -10.82 9.32 28.71
C VAL B 202 -12.31 9.71 28.71
N GLN B 203 -12.58 11.01 28.73
CA GLN B 203 -13.97 11.50 28.65
C GLN B 203 -14.56 10.99 27.36
N GLU B 204 -13.82 11.18 26.27
CA GLU B 204 -14.32 10.88 24.93
C GLU B 204 -14.43 9.38 24.65
N MET B 205 -13.48 8.58 25.10
CA MET B 205 -13.60 7.13 24.92
C MET B 205 -14.88 6.59 25.55
N ALA B 206 -15.16 7.03 26.76
CA ALA B 206 -16.33 6.56 27.48
C ALA B 206 -17.66 6.89 26.78
N LYS B 207 -17.64 7.76 25.78
CA LYS B 207 -18.86 8.11 25.04
C LYS B 207 -19.17 7.14 23.89
N LEU B 208 -18.38 6.08 23.75
CA LEU B 208 -18.58 5.10 22.69
C LEU B 208 -19.15 3.80 23.23
N ASP B 209 -20.47 3.61 23.11
CA ASP B 209 -21.05 2.26 23.04
C ASP B 209 -20.57 1.75 21.70
N ALA B 210 -20.77 2.61 20.69
CA ALA B 210 -20.75 2.26 19.27
C ALA B 210 -19.56 1.38 18.89
#